data_7MKU
#
_entry.id   7MKU
#
_cell.length_a   134.744
_cell.length_b   134.744
_cell.length_c   127.849
_cell.angle_alpha   90.000
_cell.angle_beta   90.000
_cell.angle_gamma   120.000
#
_symmetry.space_group_name_H-M   'P 61'
#
loop_
_entity.id
_entity.type
_entity.pdbx_description
1 polymer 'Enoyl-CoA hydratase 2, peroxisomal'
2 water water
#
_entity_poly.entity_id   1
_entity_poly.type   'polypeptide(L)'
_entity_poly.pdbx_seq_one_letter_code
;(MSE)GSSHHHHHHSSGLVPRGSH(MSE)ATSDSEFNSDLLLAHKLPETRYTYNERDVAIYALGIGACGQDAVDSDELKF
VYHRNGQDLIQVLPTFASLFTLGSLTEGLDLPGFKYDPSLLLHGQQYIEIYRPLPSKASLINKVSLAGLQDKGKAAILEL
ETRSYEEGSGELLC(MSE)NRTTVFLRGAGGFSNSSQPFSYKNYPSNQGLAVKIPQRQPLTVCEERTQPSQALLYRLSGD
YNPLHSDPEFAKLAGFPRPILHGLCTLGFAIKAIIKCVCKGDPTAVKTISGRFLTTVFPGETLITE(MSE)WLEGLRVIY
QTKVKERNKTVLAGYVDIRGLSSSL
;
_entity_poly.pdbx_strand_id   A,B
#
# COMPACT_ATOMS: atom_id res chain seq x y z
N GLU A 27 -18.98 -1.22 28.74
CA GLU A 27 -17.55 -1.38 28.97
C GLU A 27 -16.76 -1.18 27.67
N PHE A 28 -17.45 -0.85 26.56
CA PHE A 28 -16.75 -0.58 25.31
C PHE A 28 -16.46 0.92 25.18
N ASN A 29 -15.18 1.25 25.04
CA ASN A 29 -14.72 2.60 24.71
C ASN A 29 -13.87 2.53 23.45
N SER A 30 -14.16 3.42 22.50
CA SER A 30 -13.45 3.42 21.23
C SER A 30 -11.99 3.83 21.39
N ASP A 31 -11.74 4.85 22.23
CA ASP A 31 -10.38 5.33 22.46
C ASP A 31 -9.46 4.24 23.03
N LEU A 32 -9.88 3.62 24.13
CA LEU A 32 -9.06 2.59 24.75
C LEU A 32 -8.72 1.49 23.76
N LEU A 33 -9.67 1.10 22.91
CA LEU A 33 -9.42 0.05 21.93
C LEU A 33 -8.44 0.52 20.86
N LEU A 34 -8.60 1.76 20.39
CA LEU A 34 -7.69 2.25 19.34
C LEU A 34 -6.27 2.44 19.84
N ALA A 35 -6.10 2.76 21.12
CA ALA A 35 -4.76 2.91 21.66
C ALA A 35 -4.09 1.57 21.98
N HIS A 36 -4.85 0.49 21.97
CA HIS A 36 -4.31 -0.79 22.39
C HIS A 36 -3.31 -1.32 21.36
N LYS A 37 -2.20 -1.86 21.86
CA LYS A 37 -1.12 -2.39 21.05
C LYS A 37 -1.05 -3.90 21.21
N LEU A 38 -1.10 -4.61 20.11
CA LEU A 38 -1.02 -6.06 20.13
C LEU A 38 0.42 -6.54 20.13
N PRO A 39 0.71 -7.65 20.80
CA PRO A 39 2.10 -8.09 20.91
C PRO A 39 2.61 -8.64 19.59
N GLU A 40 3.91 -8.53 19.37
CA GLU A 40 4.49 -9.03 18.14
C GLU A 40 4.82 -10.51 18.27
N THR A 41 5.05 -11.15 17.14
CA THR A 41 5.34 -12.57 17.07
C THR A 41 6.53 -12.82 16.17
N ARG A 42 7.12 -14.00 16.32
CA ARG A 42 8.17 -14.49 15.45
C ARG A 42 7.69 -15.68 14.63
N TYR A 43 8.21 -15.78 13.41
CA TYR A 43 7.86 -16.85 12.50
C TYR A 43 9.11 -17.28 11.74
N THR A 44 9.39 -18.58 11.70
CA THR A 44 10.58 -19.09 11.02
C THR A 44 10.17 -20.15 10.02
N TYR A 45 10.82 -20.14 8.85
CA TYR A 45 10.54 -21.20 7.89
C TYR A 45 11.80 -21.50 7.09
N ASN A 46 11.81 -22.67 6.45
CA ASN A 46 12.88 -23.06 5.54
C ASN A 46 12.31 -23.56 4.21
N GLU A 47 13.22 -23.99 3.34
CA GLU A 47 12.84 -24.36 1.98
C GLU A 47 11.95 -25.60 1.96
N ARG A 48 12.04 -26.46 2.97
CA ARG A 48 11.11 -27.58 3.05
C ARG A 48 9.70 -27.12 3.36
N ASP A 49 9.56 -26.16 4.29
CA ASP A 49 8.24 -25.56 4.53
C ASP A 49 7.68 -24.99 3.23
N VAL A 50 8.54 -24.37 2.42
CA VAL A 50 8.10 -23.76 1.17
C VAL A 50 7.56 -24.83 0.22
N ALA A 51 8.30 -25.93 0.06
CA ALA A 51 7.89 -26.96 -0.88
C ALA A 51 6.62 -27.67 -0.41
N ILE A 52 6.51 -27.93 0.89
CA ILE A 52 5.31 -28.55 1.41
C ILE A 52 4.10 -27.64 1.17
N TYR A 53 4.28 -26.33 1.37
CA TYR A 53 3.21 -25.39 1.03
C TYR A 53 2.87 -25.45 -0.45
N ALA A 54 3.89 -25.38 -1.30
CA ALA A 54 3.65 -25.36 -2.74
C ALA A 54 2.89 -26.60 -3.19
N LEU A 55 3.26 -27.78 -2.66
CA LEU A 55 2.52 -28.99 -2.97
C LEU A 55 1.11 -28.91 -2.39
N GLY A 56 0.96 -28.31 -1.21
CA GLY A 56 -0.35 -28.13 -0.61
C GLY A 56 -1.32 -27.30 -1.42
N ILE A 57 -0.81 -26.42 -2.30
CA ILE A 57 -1.72 -25.66 -3.15
C ILE A 57 -1.54 -26.09 -4.60
N GLY A 58 -1.15 -27.34 -4.80
CA GLY A 58 -1.31 -27.93 -6.10
C GLY A 58 -0.16 -27.79 -7.09
N ALA A 59 1.00 -27.28 -6.66
CA ALA A 59 2.14 -27.18 -7.57
C ALA A 59 2.53 -28.56 -8.08
N CYS A 60 2.60 -28.71 -9.41
CA CYS A 60 2.87 -29.96 -10.11
C CYS A 60 1.80 -31.00 -9.90
N GLY A 61 0.60 -30.57 -9.50
CA GLY A 61 -0.49 -31.51 -9.28
C GLY A 61 -0.86 -32.34 -10.49
N GLN A 62 -0.74 -31.78 -11.69
CA GLN A 62 -1.14 -32.50 -12.89
C GLN A 62 0.04 -33.03 -13.69
N ASP A 63 1.23 -32.44 -13.56
CA ASP A 63 2.39 -32.88 -14.33
C ASP A 63 3.66 -32.70 -13.52
N ALA A 64 4.37 -33.81 -13.30
CA ALA A 64 5.62 -33.79 -12.54
C ALA A 64 6.71 -32.99 -13.25
N VAL A 65 6.69 -32.93 -14.57
CA VAL A 65 7.77 -32.31 -15.33
C VAL A 65 7.38 -30.94 -15.87
N ASP A 66 6.22 -30.42 -15.45
CA ASP A 66 5.81 -29.06 -15.77
C ASP A 66 6.93 -28.08 -15.46
N SER A 67 7.57 -27.55 -16.51
CA SER A 67 8.64 -26.58 -16.33
C SER A 67 8.15 -25.36 -15.54
N ASP A 68 6.89 -24.96 -15.77
CA ASP A 68 6.34 -23.77 -15.14
C ASP A 68 6.26 -23.90 -13.63
N GLU A 69 5.90 -25.08 -13.13
CA GLU A 69 5.65 -25.26 -11.71
C GLU A 69 6.73 -26.07 -10.98
N LEU A 70 7.57 -26.81 -11.68
CA LEU A 70 8.60 -27.59 -11.00
C LEU A 70 9.52 -26.68 -10.18
N LYS A 71 9.76 -25.45 -10.64
CA LYS A 71 10.63 -24.53 -9.93
C LYS A 71 10.08 -24.16 -8.55
N PHE A 72 8.84 -24.51 -8.23
CA PHE A 72 8.32 -24.25 -6.89
C PHE A 72 8.61 -25.38 -5.90
N VAL A 73 9.03 -26.55 -6.37
CA VAL A 73 9.26 -27.67 -5.45
C VAL A 73 10.61 -28.36 -5.65
N TYR A 74 11.36 -28.01 -6.69
CA TYR A 74 12.65 -28.65 -6.95
C TYR A 74 13.59 -27.68 -7.66
N HIS A 75 14.89 -27.86 -7.44
CA HIS A 75 15.89 -27.12 -8.20
C HIS A 75 17.17 -27.93 -8.34
N ARG A 76 17.74 -27.91 -9.56
CA ARG A 76 18.99 -28.59 -9.89
C ARG A 76 20.09 -28.36 -8.85
N ASN A 77 20.23 -27.13 -8.36
CA ASN A 77 21.35 -26.72 -7.53
C ASN A 77 21.03 -26.66 -6.03
N GLY A 78 19.92 -27.24 -5.60
CA GLY A 78 19.61 -27.34 -4.17
C GLY A 78 18.22 -26.79 -3.92
N GLN A 79 17.54 -27.37 -2.93
CA GLN A 79 16.18 -26.95 -2.62
C GLN A 79 16.08 -25.51 -2.14
N ASP A 80 17.17 -24.93 -1.62
CA ASP A 80 17.11 -23.55 -1.15
C ASP A 80 16.95 -22.55 -2.29
N LEU A 81 17.10 -22.97 -3.53
CA LEU A 81 16.93 -22.10 -4.68
C LEU A 81 15.55 -22.23 -5.30
N ILE A 82 14.61 -22.95 -4.65
CA ILE A 82 13.24 -22.98 -5.18
C ILE A 82 12.62 -21.60 -5.01
N GLN A 83 11.59 -21.35 -5.79
CA GLN A 83 10.89 -20.09 -5.71
C GLN A 83 9.64 -20.23 -4.85
N VAL A 84 9.31 -19.15 -4.15
CA VAL A 84 8.23 -19.12 -3.18
C VAL A 84 6.98 -18.57 -3.84
N LEU A 85 5.86 -19.23 -3.64
CA LEU A 85 4.59 -18.71 -4.16
C LEU A 85 4.09 -17.60 -3.23
N PRO A 86 3.64 -16.47 -3.77
CA PRO A 86 3.35 -15.31 -2.89
C PRO A 86 2.32 -15.58 -1.80
N THR A 87 1.35 -16.45 -2.04
CA THR A 87 0.34 -16.73 -1.02
C THR A 87 0.92 -17.46 0.19
N PHE A 88 2.16 -17.91 0.11
CA PHE A 88 2.88 -18.40 1.28
C PHE A 88 2.87 -17.37 2.40
N ALA A 89 2.89 -16.07 2.04
CA ALA A 89 2.88 -15.00 3.05
C ALA A 89 1.65 -15.05 3.94
N SER A 90 0.58 -15.74 3.51
CA SER A 90 -0.61 -15.85 4.34
C SER A 90 -0.37 -16.74 5.55
N LEU A 91 0.64 -17.60 5.53
CA LEU A 91 1.00 -18.36 6.71
C LEU A 91 1.56 -17.50 7.82
N PHE A 92 2.05 -16.29 7.53
CA PHE A 92 2.64 -15.48 8.59
C PHE A 92 1.60 -14.91 9.55
N THR A 93 0.30 -15.03 9.25
CA THR A 93 -0.75 -14.57 10.14
C THR A 93 -1.20 -15.63 11.12
N LEU A 94 -0.98 -16.91 10.80
CA LEU A 94 -1.59 -18.00 11.56
C LEU A 94 -1.40 -17.80 13.05
N GLY A 95 -2.49 -18.03 13.80
CA GLY A 95 -2.42 -18.04 15.25
C GLY A 95 -3.30 -16.99 15.89
N SER A 96 -3.19 -15.77 15.37
CA SER A 96 -3.75 -14.57 15.98
C SER A 96 -5.21 -14.67 16.41
N LEU A 97 -6.12 -14.73 15.43
CA LEU A 97 -7.55 -14.66 15.70
C LEU A 97 -8.06 -15.89 16.45
N THR A 98 -7.49 -17.05 16.15
CA THR A 98 -8.04 -18.31 16.63
C THR A 98 -7.72 -18.57 18.09
N GLU A 99 -6.59 -18.08 18.58
CA GLU A 99 -6.27 -18.27 19.99
C GLU A 99 -7.27 -17.54 20.89
N GLY A 100 -7.62 -16.30 20.54
CA GLY A 100 -8.45 -15.48 21.38
C GLY A 100 -8.20 -14.01 21.10
N LEU A 101 -7.00 -13.53 21.42
CA LEU A 101 -6.61 -12.15 21.15
C LEU A 101 -7.51 -11.17 21.87
N ASP A 102 -7.15 -10.79 23.10
CA ASP A 102 -8.05 -9.97 23.91
C ASP A 102 -7.92 -8.50 23.50
N LEU A 103 -9.06 -7.92 23.09
CA LEU A 103 -9.10 -6.49 22.84
C LEU A 103 -9.92 -5.81 23.92
N PRO A 104 -9.49 -4.66 24.41
CA PRO A 104 -10.20 -4.01 25.52
C PRO A 104 -11.64 -3.67 25.17
N GLY A 105 -12.58 -4.27 25.90
CA GLY A 105 -13.97 -3.94 25.71
C GLY A 105 -14.63 -4.64 24.54
N PHE A 106 -14.02 -5.71 24.02
CA PHE A 106 -14.57 -6.43 22.87
C PHE A 106 -14.24 -7.89 23.03
N LYS A 107 -15.26 -8.72 23.24
CA LYS A 107 -15.09 -10.16 23.37
C LYS A 107 -15.74 -10.86 22.19
N TYR A 108 -15.22 -12.03 21.84
CA TYR A 108 -15.85 -12.84 20.79
C TYR A 108 -15.51 -14.31 20.97
N ASP A 109 -16.34 -15.16 20.37
CA ASP A 109 -16.19 -16.60 20.45
C ASP A 109 -15.42 -17.09 19.23
N PRO A 110 -14.16 -17.54 19.39
CA PRO A 110 -13.34 -17.86 18.21
C PRO A 110 -13.86 -19.04 17.40
N SER A 111 -14.70 -19.92 17.96
CA SER A 111 -15.21 -21.03 17.16
C SER A 111 -16.26 -20.59 16.15
N LEU A 112 -16.95 -19.46 16.40
CA LEU A 112 -17.94 -18.92 15.48
C LEU A 112 -17.32 -17.94 14.46
N LEU A 113 -16.00 -17.98 14.30
CA LEU A 113 -15.27 -17.14 13.36
C LEU A 113 -15.39 -17.66 11.93
N LEU A 114 -15.66 -16.77 10.98
CA LEU A 114 -15.65 -17.08 9.56
C LEU A 114 -14.65 -16.19 8.84
N HIS A 115 -13.87 -16.76 7.94
CA HIS A 115 -12.84 -16.00 7.24
C HIS A 115 -13.43 -15.42 5.96
N GLY A 116 -13.66 -14.11 5.93
CA GLY A 116 -14.30 -13.43 4.82
C GLY A 116 -13.38 -13.04 3.66
N GLN A 117 -12.28 -12.33 3.92
CA GLN A 117 -11.33 -12.07 2.86
C GLN A 117 -9.90 -12.04 3.36
N GLN A 118 -8.98 -12.19 2.42
CA GLN A 118 -7.55 -12.05 2.61
C GLN A 118 -7.01 -10.96 1.70
N TYR A 119 -6.06 -10.17 2.20
CA TYR A 119 -5.40 -9.16 1.38
C TYR A 119 -3.90 -9.21 1.67
N ILE A 120 -3.09 -9.30 0.61
CA ILE A 120 -1.64 -9.45 0.74
C ILE A 120 -0.93 -8.42 -0.13
N GLU A 121 0.10 -7.79 0.40
CA GLU A 121 0.99 -6.95 -0.40
C GLU A 121 2.39 -7.52 -0.27
N ILE A 122 3.04 -7.74 -1.40
CA ILE A 122 4.39 -8.30 -1.47
C ILE A 122 5.33 -7.19 -1.90
N TYR A 123 6.19 -6.74 -1.00
CA TYR A 123 7.10 -5.65 -1.32
C TYR A 123 8.42 -6.13 -1.92
N ARG A 124 8.87 -7.32 -1.55
CA ARG A 124 10.07 -7.93 -2.11
C ARG A 124 9.73 -9.38 -2.33
N PRO A 125 10.38 -10.03 -3.28
CA PRO A 125 10.16 -11.47 -3.45
C PRO A 125 10.54 -12.20 -2.16
N LEU A 126 9.72 -13.18 -1.78
CA LEU A 126 9.92 -13.88 -0.52
C LEU A 126 11.11 -14.82 -0.61
N PRO A 127 12.01 -14.83 0.37
CA PRO A 127 13.13 -15.76 0.34
C PRO A 127 12.68 -17.17 0.70
N SER A 128 13.52 -18.14 0.36
CA SER A 128 13.17 -19.53 0.59
C SER A 128 13.37 -19.96 2.03
N LYS A 129 14.06 -19.16 2.83
CA LYS A 129 14.20 -19.40 4.25
C LYS A 129 14.21 -18.03 4.88
N ALA A 130 13.64 -17.91 6.09
CA ALA A 130 13.63 -16.61 6.76
C ALA A 130 13.30 -16.74 8.23
N SER A 131 13.74 -15.74 8.98
CA SER A 131 13.32 -15.48 10.35
C SER A 131 12.60 -14.14 10.37
N LEU A 132 11.33 -14.14 10.75
CA LEU A 132 10.48 -12.96 10.65
C LEU A 132 10.08 -12.43 12.02
N ILE A 133 9.95 -11.09 12.10
CA ILE A 133 9.20 -10.42 13.16
C ILE A 133 7.91 -9.88 12.58
N ASN A 134 6.79 -10.30 13.13
CA ASN A 134 5.47 -9.93 12.67
C ASN A 134 4.93 -8.89 13.63
N LYS A 135 4.76 -7.66 13.17
CA LYS A 135 4.07 -6.68 13.98
C LYS A 135 2.61 -6.67 13.58
N VAL A 136 1.74 -6.73 14.57
CA VAL A 136 0.32 -6.95 14.38
C VAL A 136 -0.42 -5.71 14.86
N SER A 137 -1.53 -5.40 14.17
CA SER A 137 -2.29 -4.23 14.53
C SER A 137 -3.75 -4.38 14.11
N LEU A 138 -4.62 -3.71 14.85
CA LEU A 138 -6.04 -3.70 14.57
C LEU A 138 -6.31 -2.69 13.47
N ALA A 139 -6.71 -3.19 12.30
CA ALA A 139 -6.94 -2.33 11.14
C ALA A 139 -8.39 -1.97 10.94
N GLY A 140 -9.31 -2.69 11.55
CA GLY A 140 -10.70 -2.39 11.32
C GLY A 140 -11.60 -3.17 12.25
N LEU A 141 -12.69 -2.54 12.67
CA LEU A 141 -13.69 -3.21 13.48
C LEU A 141 -15.04 -2.60 13.16
N GLN A 142 -16.02 -3.46 12.87
CA GLN A 142 -17.37 -3.02 12.59
C GLN A 142 -18.40 -3.80 13.39
N ASP A 143 -19.33 -3.08 14.02
CA ASP A 143 -20.50 -3.64 14.66
C ASP A 143 -21.56 -3.80 13.57
N LYS A 144 -21.88 -5.05 13.23
CA LYS A 144 -22.82 -5.40 12.17
C LYS A 144 -24.12 -5.99 12.74
N GLY A 145 -24.59 -5.47 13.87
CA GLY A 145 -25.79 -5.98 14.49
C GLY A 145 -25.56 -7.18 15.39
N LYS A 146 -25.71 -8.40 14.88
CA LYS A 146 -25.43 -9.56 15.71
C LYS A 146 -24.04 -10.13 15.47
N ALA A 147 -23.41 -9.82 14.34
CA ALA A 147 -22.00 -10.14 14.11
C ALA A 147 -21.15 -8.88 14.12
N ALA A 148 -19.84 -9.07 14.24
CA ALA A 148 -18.87 -7.99 14.11
C ALA A 148 -17.89 -8.36 13.01
N ILE A 149 -17.38 -7.35 12.30
CA ILE A 149 -16.30 -7.58 11.34
C ILE A 149 -15.01 -7.04 11.97
N LEU A 150 -13.99 -7.88 12.01
CA LEU A 150 -12.68 -7.54 12.54
C LEU A 150 -11.63 -7.74 11.46
N GLU A 151 -10.71 -6.78 11.34
CA GLU A 151 -9.63 -6.86 10.35
C GLU A 151 -8.31 -6.68 11.08
N LEU A 152 -7.41 -7.64 10.91
CA LEU A 152 -6.11 -7.65 11.56
C LEU A 152 -5.04 -7.47 10.50
N GLU A 153 -4.08 -6.60 10.78
CA GLU A 153 -2.91 -6.44 9.91
C GLU A 153 -1.67 -7.03 10.55
N THR A 154 -0.93 -7.80 9.76
CA THR A 154 0.37 -8.36 10.12
C THR A 154 1.41 -7.81 9.16
N ARG A 155 2.44 -7.18 9.70
CA ARG A 155 3.57 -6.69 8.90
C ARG A 155 4.78 -7.54 9.25
N SER A 156 5.34 -8.19 8.23
CA SER A 156 6.37 -9.20 8.40
C SER A 156 7.73 -8.62 8.02
N TYR A 157 8.58 -8.39 9.03
CA TYR A 157 9.94 -7.89 8.81
C TYR A 157 10.96 -9.01 8.88
N GLU A 158 11.89 -9.04 7.94
CA GLU A 158 12.98 -10.00 7.94
C GLU A 158 14.03 -9.61 8.99
N GLU A 159 14.44 -10.57 9.82
CA GLU A 159 15.28 -10.27 10.98
C GLU A 159 16.62 -9.65 10.61
N GLY A 160 17.29 -10.21 9.61
CA GLY A 160 18.59 -9.68 9.27
C GLY A 160 18.55 -8.27 8.71
N SER A 161 17.87 -8.08 7.59
CA SER A 161 17.83 -6.78 6.93
C SER A 161 16.98 -5.78 7.69
N GLY A 162 15.95 -6.22 8.40
CA GLY A 162 14.97 -5.31 8.94
C GLY A 162 13.95 -4.85 7.94
N GLU A 163 14.02 -5.33 6.70
CA GLU A 163 13.13 -4.84 5.66
C GLU A 163 11.76 -5.48 5.77
N LEU A 164 10.75 -4.73 5.35
CA LEU A 164 9.38 -5.20 5.38
C LEU A 164 9.18 -6.11 4.16
N LEU A 165 8.97 -7.39 4.41
CA LEU A 165 8.78 -8.31 3.30
C LEU A 165 7.40 -8.17 2.69
N CYS A 166 6.36 -8.18 3.54
CA CYS A 166 4.99 -8.19 3.07
C CYS A 166 4.08 -7.70 4.19
N MSE A 167 2.80 -7.55 3.83
CA MSE A 167 1.79 -7.17 4.80
C MSE A 167 0.54 -8.01 4.49
O MSE A 167 0.21 -8.23 3.32
CB MSE A 167 1.53 -5.66 4.72
CG MSE A 167 0.42 -5.15 5.64
SE MSE A 167 -1.39 -5.27 4.80
CE MSE A 167 -1.33 -3.58 3.74
N ASN A 168 -0.13 -8.52 5.52
CA ASN A 168 -1.40 -9.24 5.39
C ASN A 168 -2.49 -8.45 6.07
N ARG A 169 -3.68 -8.44 5.49
CA ARG A 169 -4.86 -7.99 6.21
C ARG A 169 -5.91 -9.11 6.16
N THR A 170 -6.26 -9.61 7.34
CA THR A 170 -7.21 -10.69 7.48
C THR A 170 -8.54 -10.13 7.95
N THR A 171 -9.61 -10.44 7.21
CA THR A 171 -10.96 -9.99 7.55
C THR A 171 -11.83 -11.17 7.93
N VAL A 172 -12.29 -11.19 9.18
CA VAL A 172 -13.11 -12.26 9.71
C VAL A 172 -14.48 -11.71 10.12
N PHE A 173 -15.52 -12.52 9.90
CA PHE A 173 -16.87 -12.20 10.38
C PHE A 173 -17.06 -13.03 11.65
N LEU A 174 -17.19 -12.35 12.76
CA LEU A 174 -17.30 -12.94 14.09
C LEU A 174 -18.77 -13.04 14.45
N ARG A 175 -19.36 -14.22 14.25
CA ARG A 175 -20.77 -14.38 14.57
C ARG A 175 -20.97 -14.28 16.08
N GLY A 176 -22.10 -13.70 16.47
CA GLY A 176 -22.38 -13.53 17.87
C GLY A 176 -21.66 -12.39 18.56
N ALA A 177 -20.77 -11.69 17.86
CA ALA A 177 -19.94 -10.67 18.50
C ALA A 177 -20.49 -9.25 18.35
N GLY A 178 -21.60 -9.06 17.63
CA GLY A 178 -22.12 -7.74 17.44
C GLY A 178 -22.85 -7.19 18.67
N GLY A 179 -23.27 -5.94 18.56
CA GLY A 179 -23.97 -5.28 19.63
C GLY A 179 -23.10 -4.73 20.74
N PHE A 180 -21.79 -4.57 20.49
CA PHE A 180 -20.88 -4.09 21.52
C PHE A 180 -20.87 -2.57 21.64
N SER A 181 -21.45 -1.86 20.69
CA SER A 181 -21.55 -0.42 20.67
C SER A 181 -23.01 -0.03 20.81
N ASN A 182 -23.28 1.27 20.87
CA ASN A 182 -24.68 1.69 20.82
C ASN A 182 -25.23 1.41 19.43
N SER A 183 -26.32 0.65 19.35
CA SER A 183 -26.97 0.41 18.06
C SER A 183 -27.48 1.70 17.44
N SER A 184 -27.59 2.76 18.25
CA SER A 184 -28.01 4.06 17.74
C SER A 184 -27.03 4.61 16.73
N GLN A 185 -25.72 4.43 16.97
CA GLN A 185 -24.68 4.79 16.01
C GLN A 185 -23.66 3.65 15.94
N PRO A 186 -23.89 2.67 15.07
CA PRO A 186 -23.02 1.48 15.05
C PRO A 186 -21.55 1.84 14.80
N PHE A 187 -20.68 1.22 15.57
CA PHE A 187 -19.25 1.48 15.48
C PHE A 187 -18.69 0.96 14.17
N SER A 188 -17.95 1.82 13.47
CA SER A 188 -17.26 1.45 12.24
C SER A 188 -15.88 2.07 12.25
N TYR A 189 -14.86 1.26 12.07
CA TYR A 189 -13.49 1.75 12.15
C TYR A 189 -12.68 1.09 11.06
N LYS A 190 -12.08 1.91 10.19
CA LYS A 190 -11.24 1.45 9.08
C LYS A 190 -9.96 2.27 9.08
N ASN A 191 -8.84 1.64 9.40
CA ASN A 191 -7.58 2.36 9.54
C ASN A 191 -6.59 2.00 8.43
N TYR A 192 -7.02 2.11 7.18
CA TYR A 192 -6.21 1.78 6.02
C TYR A 192 -6.92 2.34 4.79
N PRO A 193 -6.23 2.46 3.65
CA PRO A 193 -6.88 3.02 2.47
C PRO A 193 -7.99 2.10 1.97
N SER A 194 -9.22 2.64 1.91
CA SER A 194 -10.42 1.82 1.79
C SER A 194 -10.53 1.11 0.44
N ASN A 195 -9.81 1.58 -0.57
CA ASN A 195 -9.85 0.89 -1.86
C ASN A 195 -9.19 -0.48 -1.82
N GLN A 196 -8.29 -0.73 -0.85
CA GLN A 196 -7.56 -2.00 -0.79
C GLN A 196 -8.51 -3.15 -0.48
N GLY A 197 -8.57 -4.13 -1.36
CA GLY A 197 -9.45 -5.26 -1.13
C GLY A 197 -10.91 -5.03 -1.47
N LEU A 198 -11.23 -3.89 -2.06
CA LEU A 198 -12.60 -3.62 -2.51
C LEU A 198 -13.04 -4.72 -3.47
N ALA A 199 -14.31 -5.12 -3.37
CA ALA A 199 -14.84 -6.06 -4.35
C ALA A 199 -14.86 -5.38 -5.71
N VAL A 200 -14.28 -6.02 -6.72
CA VAL A 200 -14.22 -5.45 -8.06
C VAL A 200 -15.15 -6.23 -8.96
N LYS A 201 -15.92 -5.51 -9.79
CA LYS A 201 -16.92 -6.15 -10.62
C LYS A 201 -16.27 -6.98 -11.72
N ILE A 202 -16.82 -8.16 -11.97
CA ILE A 202 -16.34 -9.02 -13.05
C ILE A 202 -16.76 -8.40 -14.37
N PRO A 203 -15.84 -8.10 -15.30
CA PRO A 203 -16.23 -7.43 -16.54
C PRO A 203 -17.27 -8.24 -17.31
N GLN A 204 -18.12 -7.52 -18.05
CA GLN A 204 -19.21 -8.19 -18.75
C GLN A 204 -18.73 -8.94 -19.99
N ARG A 205 -17.51 -8.71 -20.46
CA ARG A 205 -16.96 -9.43 -21.60
C ARG A 205 -16.52 -10.84 -21.20
N GLN A 206 -16.05 -11.59 -22.20
CA GLN A 206 -15.52 -12.93 -21.98
C GLN A 206 -14.15 -12.87 -21.31
N PRO A 207 -13.79 -13.89 -20.53
CA PRO A 207 -12.49 -13.88 -19.86
C PRO A 207 -11.35 -13.99 -20.85
N LEU A 208 -10.21 -13.40 -20.46
CA LEU A 208 -8.99 -13.49 -21.24
C LEU A 208 -8.47 -14.93 -21.30
N THR A 209 -8.45 -15.60 -20.17
CA THR A 209 -7.89 -16.91 -19.91
C THR A 209 -8.66 -17.60 -18.83
N VAL A 210 -8.91 -18.89 -19.03
CA VAL A 210 -9.47 -19.79 -18.04
C VAL A 210 -8.49 -20.94 -17.83
N CYS A 211 -8.25 -21.30 -16.58
CA CYS A 211 -7.39 -22.41 -16.20
C CYS A 211 -8.14 -23.25 -15.18
N GLU A 212 -8.13 -24.56 -15.36
CA GLU A 212 -8.83 -25.46 -14.44
C GLU A 212 -7.88 -26.54 -13.93
N GLU A 213 -7.98 -26.84 -12.63
CA GLU A 213 -7.16 -27.87 -11.99
C GLU A 213 -8.00 -28.63 -10.99
N ARG A 214 -7.85 -29.95 -10.98
CA ARG A 214 -8.52 -30.74 -9.97
CA ARG A 214 -8.50 -30.78 -9.99
C ARG A 214 -7.69 -30.72 -8.69
N THR A 215 -8.38 -30.56 -7.57
CA THR A 215 -7.70 -30.70 -6.30
C THR A 215 -7.71 -32.16 -5.89
N GLN A 216 -6.73 -32.54 -5.08
CA GLN A 216 -6.67 -33.93 -4.64
C GLN A 216 -7.67 -34.16 -3.50
N PRO A 217 -8.22 -35.37 -3.40
CA PRO A 217 -9.11 -35.67 -2.25
C PRO A 217 -8.46 -35.40 -0.92
N SER A 218 -7.14 -35.56 -0.84
CA SER A 218 -6.38 -35.34 0.36
C SER A 218 -5.80 -33.93 0.44
N GLN A 219 -6.30 -32.99 -0.37
CA GLN A 219 -5.69 -31.68 -0.45
C GLN A 219 -5.63 -31.01 0.92
N ALA A 220 -6.73 -31.05 1.67
CA ALA A 220 -6.76 -30.34 2.95
C ALA A 220 -5.85 -31.03 3.96
N LEU A 221 -5.76 -32.36 3.91
CA LEU A 221 -4.88 -33.08 4.82
C LEU A 221 -3.43 -32.73 4.57
N LEU A 222 -3.07 -32.40 3.32
CA LEU A 222 -1.71 -31.96 3.05
C LEU A 222 -1.52 -30.47 3.36
N TYR A 223 -2.49 -29.62 2.98
CA TYR A 223 -2.34 -28.18 3.16
C TYR A 223 -2.28 -27.79 4.64
N ARG A 224 -3.00 -28.51 5.51
CA ARG A 224 -2.97 -28.19 6.93
C ARG A 224 -1.61 -28.41 7.55
N LEU A 225 -0.75 -29.21 6.91
CA LEU A 225 0.60 -29.39 7.41
C LEU A 225 1.46 -28.15 7.22
N SER A 226 1.00 -27.18 6.44
CA SER A 226 1.65 -25.88 6.41
C SER A 226 1.28 -24.99 7.61
N GLY A 227 0.37 -25.42 8.50
CA GLY A 227 0.13 -24.67 9.72
C GLY A 227 -1.26 -24.60 10.32
N ASP A 228 -2.33 -24.62 9.51
CA ASP A 228 -3.70 -24.47 10.02
C ASP A 228 -4.32 -25.84 10.27
N TYR A 229 -4.33 -26.27 11.53
CA TYR A 229 -4.78 -27.61 11.90
C TYR A 229 -6.27 -27.67 12.29
N ASN A 230 -7.06 -26.65 11.95
CA ASN A 230 -8.47 -26.59 12.26
C ASN A 230 -9.21 -27.88 11.87
N PRO A 231 -9.88 -28.55 12.82
CA PRO A 231 -10.60 -29.78 12.47
C PRO A 231 -11.68 -29.60 11.40
N LEU A 232 -12.03 -28.36 11.08
CA LEU A 232 -13.02 -28.13 10.05
C LEU A 232 -12.55 -28.67 8.69
N HIS A 233 -11.23 -28.82 8.49
CA HIS A 233 -10.71 -29.29 7.22
C HIS A 233 -10.20 -30.72 7.26
N SER A 234 -10.49 -31.47 8.31
CA SER A 234 -9.95 -32.81 8.35
C SER A 234 -10.88 -33.81 9.03
N ASP A 235 -11.74 -33.33 9.93
CA ASP A 235 -12.54 -34.21 10.78
C ASP A 235 -13.98 -34.28 10.28
N PRO A 236 -14.44 -35.43 9.78
CA PRO A 236 -15.83 -35.51 9.27
C PRO A 236 -16.88 -35.13 10.29
N GLU A 237 -16.78 -35.66 11.51
CA GLU A 237 -17.77 -35.35 12.53
C GLU A 237 -17.76 -33.87 12.90
N PHE A 238 -16.57 -33.31 13.07
CA PHE A 238 -16.47 -31.90 13.44
C PHE A 238 -17.05 -31.02 12.34
N ALA A 239 -16.84 -31.38 11.08
CA ALA A 239 -17.33 -30.54 10.00
C ALA A 239 -18.84 -30.62 9.86
N LYS A 240 -19.43 -31.79 10.10
CA LYS A 240 -20.89 -31.90 10.12
C LYS A 240 -21.49 -30.97 11.17
N LEU A 241 -20.89 -30.93 12.35
CA LEU A 241 -21.40 -30.12 13.44
C LEU A 241 -21.25 -28.64 13.16
N ALA A 242 -20.44 -28.27 12.19
CA ALA A 242 -20.33 -26.90 11.70
C ALA A 242 -21.25 -26.62 10.51
N GLY A 243 -21.96 -27.62 10.00
CA GLY A 243 -22.88 -27.44 8.90
C GLY A 243 -22.43 -27.90 7.53
N PHE A 244 -21.48 -28.83 7.44
CA PHE A 244 -20.90 -29.28 6.18
C PHE A 244 -20.92 -30.81 6.07
N PRO A 245 -21.22 -31.34 4.89
CA PRO A 245 -21.33 -32.82 4.74
C PRO A 245 -20.00 -33.56 4.81
N ARG A 246 -18.91 -32.95 4.39
CA ARG A 246 -17.58 -33.53 4.55
CA ARG A 246 -17.61 -33.55 4.68
C ARG A 246 -16.64 -32.39 4.93
N PRO A 247 -15.42 -32.67 5.38
CA PRO A 247 -14.51 -31.54 5.68
C PRO A 247 -14.26 -30.71 4.44
N ILE A 248 -14.05 -29.43 4.65
CA ILE A 248 -13.94 -28.47 3.56
C ILE A 248 -12.48 -28.03 3.41
N LEU A 249 -12.13 -27.66 2.18
CA LEU A 249 -10.79 -27.15 1.91
C LEU A 249 -10.62 -25.75 2.51
N HIS A 250 -9.44 -25.48 3.09
CA HIS A 250 -9.09 -24.13 3.54
C HIS A 250 -9.29 -23.10 2.42
N GLY A 251 -9.92 -21.98 2.77
CA GLY A 251 -10.04 -20.89 1.80
C GLY A 251 -8.69 -20.41 1.28
N LEU A 252 -7.70 -20.31 2.17
CA LEU A 252 -6.36 -19.89 1.74
C LEU A 252 -5.71 -20.92 0.83
N CYS A 253 -6.13 -22.18 0.89
CA CYS A 253 -5.67 -23.16 -0.09
C CYS A 253 -6.27 -22.86 -1.47
N THR A 254 -7.58 -22.62 -1.51
CA THR A 254 -8.24 -22.19 -2.75
C THR A 254 -7.57 -20.95 -3.31
N LEU A 255 -7.30 -19.97 -2.45
CA LEU A 255 -6.60 -18.76 -2.88
C LEU A 255 -5.24 -19.10 -3.48
N GLY A 256 -4.51 -20.04 -2.87
CA GLY A 256 -3.24 -20.43 -3.45
C GLY A 256 -3.40 -20.96 -4.86
N PHE A 257 -4.44 -21.78 -5.09
CA PHE A 257 -4.72 -22.34 -6.41
C PHE A 257 -5.02 -21.24 -7.42
N ALA A 258 -5.85 -20.26 -7.03
CA ALA A 258 -6.18 -19.18 -7.94
C ALA A 258 -4.96 -18.36 -8.30
N ILE A 259 -4.16 -17.98 -7.29
CA ILE A 259 -3.02 -17.12 -7.57
C ILE A 259 -1.95 -17.86 -8.38
N LYS A 260 -1.76 -19.15 -8.09
CA LYS A 260 -0.87 -19.98 -8.91
C LYS A 260 -1.33 -20.02 -10.37
N ALA A 261 -2.64 -20.14 -10.58
CA ALA A 261 -3.19 -20.15 -11.93
C ALA A 261 -2.90 -18.84 -12.65
N ILE A 262 -3.00 -17.72 -11.91
CA ILE A 262 -2.73 -16.41 -12.49
C ILE A 262 -1.25 -16.28 -12.81
N ILE A 263 -0.39 -16.80 -11.92
CA ILE A 263 1.05 -16.76 -12.18
C ILE A 263 1.40 -17.53 -13.45
N LYS A 264 0.76 -18.69 -13.65
CA LYS A 264 1.11 -19.47 -14.85
C LYS A 264 0.45 -18.87 -16.09
N CYS A 265 -0.79 -18.41 -15.99
CA CYS A 265 -1.55 -18.07 -17.18
C CYS A 265 -1.46 -16.60 -17.57
N VAL A 266 -1.07 -15.71 -16.67
CA VAL A 266 -0.92 -14.29 -16.99
C VAL A 266 0.51 -13.84 -16.83
N CYS A 267 1.21 -14.32 -15.80
CA CYS A 267 2.53 -13.82 -15.44
C CYS A 267 3.67 -14.60 -16.04
N LYS A 268 3.40 -15.44 -17.05
CA LYS A 268 4.44 -16.20 -17.73
C LYS A 268 5.25 -17.06 -16.76
N GLY A 269 4.66 -17.47 -15.65
CA GLY A 269 5.37 -18.31 -14.71
C GLY A 269 6.20 -17.61 -13.65
N ASP A 270 6.25 -16.27 -13.63
CA ASP A 270 7.12 -15.57 -12.68
C ASP A 270 6.35 -15.17 -11.44
N PRO A 271 6.56 -15.81 -10.30
CA PRO A 271 5.81 -15.41 -9.09
C PRO A 271 6.15 -14.02 -8.60
N THR A 272 7.32 -13.47 -8.95
CA THR A 272 7.64 -12.13 -8.46
C THR A 272 6.88 -11.05 -9.20
N ALA A 273 6.09 -11.40 -10.21
CA ALA A 273 5.26 -10.39 -10.85
C ALA A 273 4.10 -9.95 -9.98
N VAL A 274 3.82 -10.68 -8.91
CA VAL A 274 2.61 -10.47 -8.12
C VAL A 274 2.95 -9.47 -7.03
N LYS A 275 2.23 -8.36 -7.01
CA LYS A 275 2.44 -7.28 -6.05
C LYS A 275 1.35 -7.22 -5.00
N THR A 276 0.11 -7.47 -5.38
CA THR A 276 -1.04 -7.42 -4.48
C THR A 276 -1.91 -8.65 -4.74
N ILE A 277 -2.54 -9.14 -3.67
CA ILE A 277 -3.53 -10.22 -3.75
C ILE A 277 -4.74 -9.85 -2.89
N SER A 278 -5.90 -9.78 -3.51
CA SER A 278 -7.17 -9.69 -2.80
C SER A 278 -8.00 -10.92 -3.14
N GLY A 279 -8.49 -11.60 -2.11
CA GLY A 279 -9.37 -12.71 -2.31
C GLY A 279 -10.55 -12.62 -1.36
N ARG A 280 -11.77 -12.68 -1.88
CA ARG A 280 -12.97 -12.73 -1.07
CA ARG A 280 -12.98 -12.72 -1.07
C ARG A 280 -13.55 -14.13 -1.16
N PHE A 281 -13.71 -14.78 -0.01
CA PHE A 281 -14.26 -16.13 0.05
C PHE A 281 -15.78 -16.08 -0.01
N LEU A 282 -16.38 -16.93 -0.85
CA LEU A 282 -17.80 -16.85 -1.15
C LEU A 282 -18.57 -18.10 -0.78
N THR A 283 -18.12 -19.28 -1.20
CA THR A 283 -18.80 -20.55 -0.95
C THR A 283 -17.74 -21.58 -0.58
N THR A 284 -18.21 -22.69 -0.02
CA THR A 284 -17.35 -23.76 0.41
C THR A 284 -16.82 -24.58 -0.77
N VAL A 285 -15.57 -25.05 -0.64
CA VAL A 285 -14.93 -25.96 -1.59
C VAL A 285 -14.64 -27.27 -0.87
N PHE A 286 -14.82 -28.39 -1.56
CA PHE A 286 -14.53 -29.69 -0.96
C PHE A 286 -13.32 -30.32 -1.62
N PRO A 287 -12.36 -30.83 -0.85
CA PRO A 287 -11.18 -31.44 -1.46
C PRO A 287 -11.60 -32.52 -2.44
N GLY A 288 -10.96 -32.50 -3.62
CA GLY A 288 -11.34 -33.37 -4.71
C GLY A 288 -12.15 -32.68 -5.79
N GLU A 289 -12.68 -31.50 -5.54
CA GLU A 289 -13.40 -30.83 -6.59
C GLU A 289 -12.44 -30.12 -7.52
N THR A 290 -12.96 -29.76 -8.69
CA THR A 290 -12.17 -29.12 -9.73
C THR A 290 -12.42 -27.63 -9.70
N LEU A 291 -11.34 -26.84 -9.59
CA LEU A 291 -11.41 -25.39 -9.54
C LEU A 291 -11.16 -24.81 -10.92
N ILE A 292 -12.07 -23.93 -11.35
CA ILE A 292 -11.93 -23.19 -12.60
C ILE A 292 -11.69 -21.72 -12.25
N THR A 293 -10.58 -21.17 -12.74
CA THR A 293 -10.24 -19.76 -12.52
C THR A 293 -10.38 -18.98 -13.83
N GLU A 294 -11.30 -18.02 -13.87
CA GLU A 294 -11.43 -17.09 -14.99
C GLU A 294 -10.72 -15.77 -14.69
N MSE A 295 -9.96 -15.28 -15.67
CA MSE A 295 -9.15 -14.06 -15.54
C MSE A 295 -9.43 -12.98 -16.59
O MSE A 295 -9.60 -13.26 -17.77
CB MSE A 295 -7.68 -14.44 -15.56
CG MSE A 295 -7.38 -15.47 -14.49
SE MSE A 295 -5.80 -16.61 -14.77
CE MSE A 295 -6.61 -18.36 -15.19
N TRP A 296 -9.48 -11.73 -16.14
CA TRP A 296 -9.55 -10.56 -17.00
C TRP A 296 -8.39 -9.64 -16.68
N LEU A 297 -7.97 -8.86 -17.67
CA LEU A 297 -6.86 -7.92 -17.54
C LEU A 297 -7.38 -6.51 -17.71
N GLU A 298 -7.25 -5.69 -16.67
CA GLU A 298 -7.58 -4.26 -16.71
C GLU A 298 -6.32 -3.52 -16.31
N GLY A 299 -5.54 -3.15 -17.33
CA GLY A 299 -4.25 -2.57 -17.10
C GLY A 299 -3.26 -3.55 -16.51
N LEU A 300 -2.73 -3.23 -15.33
CA LEU A 300 -1.87 -4.13 -14.61
C LEU A 300 -2.59 -4.70 -13.39
N ARG A 301 -3.92 -4.77 -13.48
CA ARG A 301 -4.74 -5.47 -12.49
C ARG A 301 -5.41 -6.65 -13.18
N VAL A 302 -5.17 -7.84 -12.66
CA VAL A 302 -5.87 -9.05 -13.07
C VAL A 302 -7.10 -9.20 -12.18
N ILE A 303 -8.28 -9.19 -12.77
CA ILE A 303 -9.52 -9.49 -12.06
C ILE A 303 -9.83 -10.97 -12.24
N TYR A 304 -10.16 -11.67 -11.14
CA TYR A 304 -10.32 -13.12 -11.23
C TYR A 304 -11.51 -13.61 -10.41
N GLN A 305 -11.87 -14.86 -10.71
CA GLN A 305 -13.04 -15.52 -10.16
C GLN A 305 -12.75 -17.02 -10.22
N THR A 306 -13.08 -17.76 -9.17
CA THR A 306 -12.88 -19.20 -9.19
C THR A 306 -14.21 -19.90 -8.91
N LYS A 307 -14.52 -20.90 -9.73
CA LYS A 307 -15.74 -21.69 -9.57
C LYS A 307 -15.39 -23.15 -9.32
N VAL A 308 -16.29 -23.84 -8.64
CA VAL A 308 -16.21 -25.29 -8.54
C VAL A 308 -16.95 -25.88 -9.74
N LYS A 309 -16.21 -26.62 -10.58
CA LYS A 309 -16.79 -27.15 -11.82
C LYS A 309 -18.00 -28.03 -11.54
N GLU A 310 -17.88 -28.93 -10.57
CA GLU A 310 -18.91 -29.92 -10.31
C GLU A 310 -20.24 -29.27 -9.92
N ARG A 311 -20.23 -28.35 -8.99
CA ARG A 311 -21.46 -27.72 -8.54
C ARG A 311 -21.75 -26.37 -9.20
N ASN A 312 -20.91 -25.91 -10.12
CA ASN A 312 -21.07 -24.62 -10.83
C ASN A 312 -21.42 -23.46 -9.87
N LYS A 313 -20.55 -23.25 -8.89
CA LYS A 313 -20.73 -22.22 -7.89
C LYS A 313 -19.44 -21.41 -7.77
N THR A 314 -19.58 -20.11 -7.60
CA THR A 314 -18.44 -19.22 -7.39
C THR A 314 -17.99 -19.30 -5.94
N VAL A 315 -16.71 -19.59 -5.73
CA VAL A 315 -16.17 -19.82 -4.40
C VAL A 315 -15.18 -18.74 -3.97
N LEU A 316 -14.69 -17.92 -4.90
CA LEU A 316 -13.60 -17.00 -4.66
C LEU A 316 -13.61 -15.92 -5.73
N ALA A 317 -13.29 -14.70 -5.34
CA ALA A 317 -13.19 -13.62 -6.30
C ALA A 317 -12.29 -12.55 -5.72
N GLY A 318 -11.59 -11.85 -6.60
CA GLY A 318 -10.70 -10.80 -6.14
C GLY A 318 -9.88 -10.27 -7.28
N TYR A 319 -8.70 -9.75 -6.95
CA TYR A 319 -7.82 -9.23 -7.97
C TYR A 319 -6.38 -9.40 -7.55
N VAL A 320 -5.48 -9.25 -8.53
CA VAL A 320 -4.04 -9.33 -8.37
C VAL A 320 -3.43 -8.16 -9.13
N ASP A 321 -2.72 -7.29 -8.44
CA ASP A 321 -1.96 -6.26 -9.12
C ASP A 321 -0.61 -6.83 -9.50
N ILE A 322 -0.20 -6.64 -10.76
CA ILE A 322 1.03 -7.24 -11.23
C ILE A 322 2.00 -6.17 -11.70
N ARG A 323 3.28 -6.55 -11.65
CA ARG A 323 4.35 -5.71 -12.16
C ARG A 323 4.18 -5.48 -13.64
N GLY A 324 4.50 -4.25 -14.08
CA GLY A 324 4.54 -3.94 -15.48
C GLY A 324 5.99 -3.88 -15.93
N LEU A 325 6.31 -4.68 -16.95
CA LEU A 325 7.67 -4.73 -17.48
C LEU A 325 7.60 -5.02 -18.98
N SER A 326 7.90 -4.03 -19.80
CA SER A 326 7.78 -4.21 -21.24
C SER A 326 8.78 -5.21 -21.80
N SER A 327 9.93 -5.38 -21.14
CA SER A 327 10.99 -6.25 -21.65
C SER A 327 10.77 -7.72 -21.34
N SER A 328 9.62 -8.09 -20.78
CA SER A 328 9.25 -9.49 -20.59
C SER A 328 8.26 -9.93 -21.66
N GLU B 27 24.51 0.80 -24.31
CA GLU B 27 25.05 0.56 -22.98
C GLU B 27 23.91 0.41 -21.95
N PHE B 28 22.66 0.48 -22.39
CA PHE B 28 21.52 0.26 -21.50
C PHE B 28 21.11 -1.22 -21.52
N ASN B 29 21.17 -1.85 -20.35
CA ASN B 29 20.66 -3.19 -20.17
C ASN B 29 19.63 -3.14 -19.05
N SER B 30 18.44 -3.69 -19.30
CA SER B 30 17.36 -3.64 -18.32
C SER B 30 17.64 -4.56 -17.13
N ASP B 31 18.23 -5.73 -17.40
CA ASP B 31 18.58 -6.64 -16.32
C ASP B 31 19.48 -5.95 -15.31
N LEU B 32 20.59 -5.38 -15.79
CA LEU B 32 21.52 -4.70 -14.88
C LEU B 32 20.82 -3.62 -14.07
N LEU B 33 19.95 -2.84 -14.72
CA LEU B 33 19.28 -1.76 -14.02
C LEU B 33 18.25 -2.28 -13.01
N LEU B 34 17.47 -3.30 -13.38
CA LEU B 34 16.49 -3.82 -12.41
C LEU B 34 17.18 -4.50 -11.24
N ALA B 35 18.34 -5.11 -11.47
CA ALA B 35 19.09 -5.77 -10.40
C ALA B 35 19.90 -4.81 -9.54
N HIS B 36 20.05 -3.56 -9.96
CA HIS B 36 20.90 -2.63 -9.22
C HIS B 36 20.25 -2.29 -7.88
N LYS B 37 21.08 -2.18 -6.86
CA LYS B 37 20.62 -1.86 -5.52
C LYS B 37 21.10 -0.44 -5.19
N LEU B 38 20.13 0.45 -4.86
CA LEU B 38 20.51 1.82 -4.49
C LEU B 38 20.86 1.88 -3.02
N PRO B 39 21.81 2.72 -2.64
CA PRO B 39 22.29 2.71 -1.26
C PRO B 39 21.29 3.34 -0.30
N GLU B 40 21.34 2.87 0.95
CA GLU B 40 20.40 3.39 1.92
C GLU B 40 20.93 4.68 2.53
N THR B 41 20.05 5.38 3.21
CA THR B 41 20.27 6.72 3.74
C THR B 41 19.86 6.79 5.20
N ARG B 42 20.46 7.73 5.93
CA ARG B 42 20.01 8.09 7.27
C ARG B 42 19.45 9.49 7.26
N TYR B 43 18.41 9.72 8.07
CA TYR B 43 17.80 11.03 8.15
C TYR B 43 17.40 11.27 9.60
N THR B 44 17.79 12.40 10.17
CA THR B 44 17.50 12.73 11.55
C THR B 44 16.78 14.06 11.62
N TYR B 45 15.75 14.14 12.46
CA TYR B 45 15.05 15.41 12.64
C TYR B 45 14.55 15.51 14.08
N ASN B 46 14.26 16.74 14.51
CA ASN B 46 13.69 16.97 15.85
C ASN B 46 12.47 17.90 15.75
N GLU B 47 11.94 18.24 16.92
CA GLU B 47 10.70 18.99 16.98
C GLU B 47 10.85 20.41 16.44
N ARG B 48 12.06 20.97 16.51
CA ARG B 48 12.26 22.27 15.89
C ARG B 48 12.15 22.16 14.38
N ASP B 49 12.72 21.11 13.79
CA ASP B 49 12.52 20.85 12.36
C ASP B 49 11.05 20.71 12.03
N VAL B 50 10.28 20.03 12.90
CA VAL B 50 8.85 19.84 12.66
C VAL B 50 8.14 21.19 12.62
N ALA B 51 8.42 22.05 13.59
CA ALA B 51 7.74 23.32 13.64
C ALA B 51 8.14 24.23 12.48
N ILE B 52 9.43 24.23 12.12
CA ILE B 52 9.86 25.07 10.98
C ILE B 52 9.18 24.60 9.69
N TYR B 53 9.05 23.29 9.50
CA TYR B 53 8.29 22.80 8.36
C TYR B 53 6.84 23.30 8.40
N ALA B 54 6.17 23.13 9.55
CA ALA B 54 4.76 23.49 9.63
C ALA B 54 4.54 24.97 9.34
N LEU B 55 5.39 25.83 9.88
CA LEU B 55 5.30 27.24 9.52
C LEU B 55 5.64 27.43 8.04
N GLY B 56 6.59 26.65 7.53
CA GLY B 56 6.94 26.71 6.12
C GLY B 56 5.78 26.37 5.19
N ILE B 57 4.81 25.57 5.65
CA ILE B 57 3.65 25.29 4.82
C ILE B 57 2.40 25.94 5.40
N GLY B 58 2.58 27.03 6.15
CA GLY B 58 1.50 27.94 6.44
C GLY B 58 0.71 27.71 7.72
N ALA B 59 1.18 26.84 8.63
CA ALA B 59 0.48 26.64 9.90
C ALA B 59 0.37 27.94 10.69
N CYS B 60 -0.86 28.29 11.06
CA CYS B 60 -1.18 29.52 11.79
C CYS B 60 -0.90 30.76 10.98
N GLY B 61 -0.81 30.61 9.65
CA GLY B 61 -0.55 31.73 8.77
C GLY B 61 -1.56 32.86 8.86
N GLN B 62 -2.83 32.54 9.13
CA GLN B 62 -3.84 33.58 9.24
C GLN B 62 -4.27 33.89 10.67
N ASP B 63 -4.05 32.97 11.62
CA ASP B 63 -4.46 33.22 13.00
C ASP B 63 -3.48 32.57 13.96
N ALA B 64 -2.87 33.40 14.82
CA ALA B 64 -1.91 32.88 15.78
C ALA B 64 -2.54 31.92 16.78
N VAL B 65 -3.83 32.10 17.09
CA VAL B 65 -4.50 31.32 18.12
C VAL B 65 -5.46 30.30 17.52
N ASP B 66 -5.39 30.07 16.21
CA ASP B 66 -6.14 29.00 15.55
C ASP B 66 -5.94 27.70 16.33
N SER B 67 -6.98 27.26 17.04
CA SER B 67 -6.91 26.01 17.81
C SER B 67 -6.58 24.82 16.91
N ASP B 68 -7.06 24.82 15.67
CA ASP B 68 -6.84 23.68 14.79
C ASP B 68 -5.37 23.55 14.39
N GLU B 69 -4.68 24.68 14.19
CA GLU B 69 -3.33 24.64 13.66
C GLU B 69 -2.25 24.96 14.68
N LEU B 70 -2.60 25.54 15.83
CA LEU B 70 -1.59 25.88 16.82
C LEU B 70 -0.85 24.65 17.32
N LYS B 71 -1.53 23.50 17.38
CA LYS B 71 -0.91 22.26 17.83
C LYS B 71 0.19 21.76 16.91
N PHE B 72 0.36 22.36 15.73
CA PHE B 72 1.45 21.96 14.87
C PHE B 72 2.75 22.69 15.17
N VAL B 73 2.71 23.76 15.98
CA VAL B 73 3.90 24.57 16.20
C VAL B 73 4.13 24.85 17.67
N TYR B 74 3.17 24.51 18.52
CA TYR B 74 3.31 24.79 19.94
C TYR B 74 2.56 23.75 20.77
N HIS B 75 3.08 23.46 21.97
CA HIS B 75 2.33 22.69 22.95
C HIS B 75 2.72 23.14 24.35
N ARG B 76 1.70 23.40 25.20
CA ARG B 76 1.90 23.84 26.58
C ARG B 76 2.89 22.98 27.36
N ASN B 77 2.97 21.69 27.06
CA ASN B 77 3.81 20.77 27.82
C ASN B 77 5.14 20.48 27.13
N GLY B 78 5.51 21.24 26.11
CA GLY B 78 6.81 21.09 25.49
C GLY B 78 6.68 20.89 23.99
N GLN B 79 7.65 21.41 23.25
CA GLN B 79 7.61 21.31 21.79
C GLN B 79 7.68 19.87 21.31
N ASP B 80 8.19 18.95 22.12
CA ASP B 80 8.23 17.54 21.71
C ASP B 80 6.84 16.93 21.59
N LEU B 81 5.80 17.60 22.05
CA LEU B 81 4.43 17.12 21.95
C LEU B 81 3.66 17.73 20.79
N ILE B 82 4.31 18.51 19.92
CA ILE B 82 3.56 19.00 18.77
C ILE B 82 3.25 17.84 17.85
N GLN B 83 2.27 18.04 17.00
CA GLN B 83 1.88 17.02 16.05
C GLN B 83 2.49 17.32 14.69
N VAL B 84 2.80 16.25 13.97
CA VAL B 84 3.51 16.35 12.71
C VAL B 84 2.51 16.33 11.56
N LEU B 85 2.67 17.22 10.63
CA LEU B 85 1.84 17.22 9.44
C LEU B 85 2.32 16.13 8.47
N PRO B 86 1.42 15.32 7.92
CA PRO B 86 1.87 14.12 7.18
C PRO B 86 2.79 14.42 6.01
N THR B 87 2.65 15.59 5.36
CA THR B 87 3.52 15.89 4.24
C THR B 87 4.97 16.13 4.64
N PHE B 88 5.24 16.23 5.94
CA PHE B 88 6.60 16.28 6.44
C PHE B 88 7.40 15.09 5.94
N ALA B 89 6.73 13.95 5.73
CA ALA B 89 7.41 12.75 5.26
C ALA B 89 8.05 12.95 3.90
N SER B 90 7.64 13.97 3.16
CA SER B 90 8.25 14.19 1.86
C SER B 90 9.69 14.69 2.00
N LEU B 91 10.06 15.27 3.15
CA LEU B 91 11.45 15.65 3.35
C LEU B 91 12.38 14.45 3.40
N PHE B 92 11.86 13.24 3.64
CA PHE B 92 12.72 12.07 3.77
C PHE B 92 13.31 11.61 2.44
N THR B 93 12.84 12.12 1.31
CA THR B 93 13.41 11.76 0.03
C THR B 93 14.57 12.65 -0.37
N LEU B 94 14.64 13.86 0.20
CA LEU B 94 15.51 14.91 -0.31
C LEU B 94 16.90 14.39 -0.59
N GLY B 95 17.43 14.79 -1.75
CA GLY B 95 18.81 14.55 -2.09
C GLY B 95 19.04 13.71 -3.33
N SER B 96 18.46 12.51 -3.37
CA SER B 96 18.78 11.50 -4.37
C SER B 96 18.75 12.00 -5.81
N LEU B 97 17.58 12.41 -6.30
CA LEU B 97 17.40 12.67 -7.72
C LEU B 97 18.23 13.85 -8.22
N THR B 98 18.30 14.92 -7.44
CA THR B 98 18.98 16.13 -7.92
C THR B 98 20.49 16.04 -7.76
N GLU B 99 20.96 15.28 -6.76
CA GLU B 99 22.39 15.10 -6.57
C GLU B 99 23.01 14.39 -7.77
N GLY B 100 22.33 13.39 -8.30
CA GLY B 100 22.88 12.59 -9.37
C GLY B 100 22.24 11.22 -9.50
N LEU B 101 22.46 10.35 -8.51
CA LEU B 101 21.87 9.01 -8.50
C LEU B 101 22.31 8.21 -9.71
N ASP B 102 23.43 7.51 -9.61
CA ASP B 102 24.00 6.84 -10.77
C ASP B 102 23.28 5.52 -10.99
N LEU B 103 22.64 5.36 -12.13
CA LEU B 103 22.04 4.09 -12.44
C LEU B 103 22.74 3.42 -13.60
N PRO B 104 22.94 2.12 -13.54
CA PRO B 104 23.66 1.43 -14.63
C PRO B 104 22.96 1.57 -15.97
N GLY B 105 23.63 2.23 -16.91
CA GLY B 105 23.14 2.32 -18.27
C GLY B 105 22.08 3.36 -18.51
N PHE B 106 21.89 4.31 -17.57
CA PHE B 106 20.88 5.34 -17.70
C PHE B 106 21.41 6.64 -17.09
N LYS B 107 21.60 7.66 -17.93
CA LYS B 107 22.09 8.96 -17.52
C LYS B 107 21.01 10.03 -17.70
N TYR B 108 21.08 11.10 -16.93
CA TYR B 108 20.15 12.21 -17.13
C TYR B 108 20.71 13.51 -16.56
N ASP B 109 20.15 14.63 -17.05
CA ASP B 109 20.56 15.97 -16.67
C ASP B 109 19.69 16.46 -15.53
N PRO B 110 20.23 16.59 -14.30
CA PRO B 110 19.34 16.91 -13.16
C PRO B 110 18.73 18.30 -13.21
N SER B 111 19.33 19.27 -13.95
CA SER B 111 18.75 20.60 -13.96
C SER B 111 17.48 20.68 -14.79
N LEU B 112 17.29 19.78 -15.76
CA LEU B 112 16.06 19.75 -16.53
C LEU B 112 15.02 18.80 -15.97
N LEU B 113 15.22 18.37 -14.72
CA LEU B 113 14.28 17.51 -14.04
C LEU B 113 13.03 18.29 -13.60
N LEU B 114 11.87 17.68 -13.81
CA LEU B 114 10.62 18.25 -13.33
C LEU B 114 9.96 17.26 -12.38
N HIS B 115 9.43 17.75 -11.29
CA HIS B 115 8.80 16.90 -10.34
C HIS B 115 7.40 16.78 -10.79
N GLY B 116 6.98 15.59 -11.15
CA GLY B 116 5.65 15.35 -11.70
C GLY B 116 4.60 15.06 -10.67
N GLN B 117 4.82 14.05 -9.83
CA GLN B 117 3.91 13.82 -8.72
C GLN B 117 4.65 13.32 -7.50
N GLN B 118 3.97 13.44 -6.37
CA GLN B 118 4.39 12.85 -5.12
C GLN B 118 3.29 11.92 -4.64
N TYR B 119 3.71 10.79 -4.07
CA TYR B 119 2.80 9.83 -3.46
C TYR B 119 3.35 9.44 -2.10
N ILE B 120 2.53 9.55 -1.05
CA ILE B 120 2.95 9.26 0.31
C ILE B 120 1.96 8.32 0.96
N GLU B 121 2.47 7.29 1.65
CA GLU B 121 1.63 6.46 2.51
C GLU B 121 2.15 6.54 3.93
N ILE B 122 1.26 6.83 4.87
CA ILE B 122 1.61 6.98 6.28
C ILE B 122 1.06 5.80 7.05
N TYR B 123 1.96 4.92 7.53
CA TYR B 123 1.56 3.69 8.21
C TYR B 123 1.34 3.85 9.70
N ARG B 124 2.02 4.81 10.30
CA ARG B 124 1.95 5.11 11.70
C ARG B 124 2.05 6.63 11.81
N PRO B 125 1.48 7.23 12.86
CA PRO B 125 1.66 8.69 13.02
C PRO B 125 3.13 9.03 13.17
N LEU B 126 3.55 10.13 12.51
CA LEU B 126 4.96 10.51 12.51
C LEU B 126 5.34 11.11 13.86
N PRO B 127 6.45 10.68 14.46
CA PRO B 127 6.85 11.22 15.75
C PRO B 127 7.49 12.60 15.56
N SER B 128 7.55 13.36 16.65
CA SER B 128 8.08 14.71 16.56
C SER B 128 9.61 14.75 16.50
N LYS B 129 10.29 13.64 16.77
CA LYS B 129 11.72 13.51 16.53
C LYS B 129 11.99 12.05 16.18
N ALA B 130 13.02 11.80 15.36
CA ALA B 130 13.34 10.41 15.00
C ALA B 130 14.70 10.32 14.32
N SER B 131 15.24 9.10 14.32
CA SER B 131 16.32 8.71 13.43
C SER B 131 15.79 7.65 12.48
N LEU B 132 15.89 7.93 11.19
CA LEU B 132 15.34 7.09 10.14
C LEU B 132 16.46 6.42 9.35
N ILE B 133 16.18 5.19 8.93
CA ILE B 133 16.93 4.55 7.87
C ILE B 133 16.00 4.49 6.65
N ASN B 134 16.45 5.06 5.54
CA ASN B 134 15.67 5.12 4.30
C ASN B 134 16.20 4.07 3.34
N LYS B 135 15.36 3.08 3.03
CA LYS B 135 15.69 2.16 1.97
C LYS B 135 15.09 2.71 0.69
N VAL B 136 15.89 2.79 -0.36
CA VAL B 136 15.55 3.45 -1.61
C VAL B 136 15.58 2.41 -2.72
N SER B 137 14.67 2.55 -3.67
CA SER B 137 14.58 1.56 -4.73
C SER B 137 13.93 2.17 -5.97
N LEU B 138 14.32 1.63 -7.13
CA LEU B 138 13.77 2.07 -8.41
C LEU B 138 12.43 1.40 -8.61
N ALA B 139 11.36 2.20 -8.56
CA ALA B 139 9.99 1.70 -8.66
C ALA B 139 9.41 1.78 -10.07
N GLY B 140 10.01 2.57 -10.95
CA GLY B 140 9.49 2.74 -12.28
C GLY B 140 10.42 3.51 -13.20
N LEU B 141 10.45 3.14 -14.47
CA LEU B 141 11.22 3.86 -15.47
C LEU B 141 10.50 3.66 -16.80
N GLN B 142 10.28 4.76 -17.52
CA GLN B 142 9.64 4.70 -18.83
C GLN B 142 10.40 5.53 -19.84
N ASP B 143 10.63 4.96 -21.02
CA ASP B 143 11.18 5.69 -22.15
C ASP B 143 10.04 6.39 -22.87
N LYS B 144 9.98 7.72 -22.78
CA LYS B 144 8.89 8.50 -23.36
C LYS B 144 9.33 9.28 -24.58
N GLY B 145 10.23 8.72 -25.38
CA GLY B 145 10.69 9.43 -26.55
C GLY B 145 11.80 10.42 -26.23
N LYS B 146 11.44 11.66 -25.94
CA LYS B 146 12.48 12.64 -25.66
C LYS B 146 12.77 12.74 -24.17
N ALA B 147 11.80 12.45 -23.32
CA ALA B 147 12.04 12.38 -21.88
C ALA B 147 11.86 10.96 -21.38
N ALA B 148 12.32 10.74 -20.16
CA ALA B 148 12.11 9.51 -19.44
C ALA B 148 11.36 9.85 -18.16
N ILE B 149 10.51 8.93 -17.72
CA ILE B 149 9.85 9.08 -16.43
C ILE B 149 10.51 8.13 -15.46
N LEU B 150 10.95 8.66 -14.32
CA LEU B 150 11.60 7.85 -13.29
C LEU B 150 10.80 7.94 -12.00
N GLU B 151 10.61 6.79 -11.35
CA GLU B 151 9.89 6.75 -10.08
C GLU B 151 10.77 6.08 -9.04
N LEU B 152 11.03 6.81 -7.96
CA LEU B 152 11.91 6.39 -6.88
C LEU B 152 11.07 6.17 -5.64
N GLU B 153 11.28 5.05 -4.95
CA GLU B 153 10.61 4.77 -3.68
C GLU B 153 11.58 4.85 -2.52
N THR B 154 11.16 5.55 -1.47
CA THR B 154 11.90 5.66 -0.23
C THR B 154 11.04 5.08 0.88
N ARG B 155 11.57 4.09 1.58
CA ARG B 155 10.87 3.48 2.71
C ARG B 155 11.61 3.87 3.98
N SER B 156 10.92 4.53 4.90
CA SER B 156 11.55 5.16 6.06
C SER B 156 11.24 4.35 7.31
N TYR B 157 12.25 3.65 7.82
CA TYR B 157 12.15 2.87 9.05
C TYR B 157 12.69 3.65 10.25
N GLU B 158 11.95 3.62 11.35
CA GLU B 158 12.42 4.25 12.58
C GLU B 158 13.50 3.40 13.23
N GLU B 159 14.64 4.03 13.55
CA GLU B 159 15.82 3.28 13.96
C GLU B 159 15.56 2.49 15.25
N GLY B 160 14.89 3.10 16.23
CA GLY B 160 14.64 2.37 17.47
C GLY B 160 13.72 1.15 17.32
N SER B 161 12.47 1.39 16.90
CA SER B 161 11.53 0.29 16.79
C SER B 161 11.84 -0.63 15.61
N GLY B 162 12.41 -0.09 14.54
CA GLY B 162 12.51 -0.84 13.31
C GLY B 162 11.25 -0.83 12.48
N GLU B 163 10.22 -0.10 12.90
CA GLU B 163 8.94 -0.08 12.21
C GLU B 163 8.98 0.84 10.98
N LEU B 164 8.22 0.48 9.96
CA LEU B 164 8.15 1.31 8.76
C LEU B 164 7.18 2.46 9.03
N LEU B 165 7.68 3.69 9.09
CA LEU B 165 6.79 4.82 9.34
C LEU B 165 5.96 5.17 8.12
N CYS B 166 6.62 5.27 6.96
CA CYS B 166 5.95 5.80 5.79
C CYS B 166 6.72 5.36 4.55
N MSE B 167 6.11 5.63 3.40
CA MSE B 167 6.71 5.35 2.12
C MSE B 167 6.40 6.50 1.17
O MSE B 167 5.26 6.96 1.08
CB MSE B 167 6.22 4.01 1.59
CG MSE B 167 6.79 3.64 0.23
SE MSE B 167 5.68 4.29 -1.29
CE MSE B 167 4.33 2.81 -1.30
N ASN B 168 7.42 6.98 0.47
CA ASN B 168 7.28 8.02 -0.54
C ASN B 168 7.55 7.41 -1.90
N ARG B 169 6.78 7.83 -2.91
CA ARG B 169 7.13 7.56 -4.29
C ARG B 169 7.18 8.89 -5.02
N THR B 170 8.36 9.21 -5.54
CA THR B 170 8.60 10.45 -6.28
C THR B 170 8.66 10.15 -7.77
N THR B 171 7.86 10.88 -8.55
CA THR B 171 7.81 10.73 -9.99
C THR B 171 8.36 11.99 -10.64
N VAL B 172 9.48 11.84 -11.34
CA VAL B 172 10.15 12.96 -11.98
C VAL B 172 10.10 12.77 -13.49
N PHE B 173 9.95 13.87 -14.18
CA PHE B 173 9.97 13.92 -15.64
C PHE B 173 11.38 14.39 -16.02
N LEU B 174 12.15 13.47 -16.60
CA LEU B 174 13.57 13.72 -16.89
C LEU B 174 13.67 14.18 -18.33
N ARG B 175 13.66 15.49 -18.52
CA ARG B 175 13.70 16.02 -19.87
C ARG B 175 15.04 15.73 -20.53
N GLY B 176 15.00 15.39 -21.81
CA GLY B 176 16.18 15.01 -22.53
C GLY B 176 16.71 13.62 -22.26
N ALA B 177 16.11 12.86 -21.34
CA ALA B 177 16.65 11.58 -20.94
C ALA B 177 16.08 10.40 -21.71
N GLY B 178 15.18 10.65 -22.66
CA GLY B 178 14.55 9.58 -23.41
C GLY B 178 15.44 9.02 -24.48
N GLY B 179 14.88 8.04 -25.19
CA GLY B 179 15.53 7.46 -26.35
C GLY B 179 16.57 6.42 -26.06
N PHE B 180 16.61 5.86 -24.85
CA PHE B 180 17.61 4.86 -24.50
C PHE B 180 17.23 3.43 -24.88
N SER B 181 15.98 3.16 -25.25
CA SER B 181 15.53 1.83 -25.66
C SER B 181 15.08 1.86 -27.11
N ASN B 182 14.73 0.68 -27.65
CA ASN B 182 14.25 0.55 -29.02
C ASN B 182 12.87 1.16 -29.19
N SER B 183 12.70 1.99 -30.23
CA SER B 183 11.41 2.58 -30.54
C SER B 183 10.34 1.54 -30.87
N SER B 184 10.73 0.34 -31.28
CA SER B 184 9.73 -0.70 -31.56
C SER B 184 9.03 -1.14 -30.29
N GLN B 185 9.75 -1.24 -29.18
CA GLN B 185 9.18 -1.57 -27.87
C GLN B 185 9.80 -0.68 -26.80
N PRO B 186 9.26 0.52 -26.62
CA PRO B 186 9.85 1.44 -25.64
C PRO B 186 9.83 0.85 -24.24
N PHE B 187 10.92 1.07 -23.51
CA PHE B 187 11.05 0.49 -22.18
C PHE B 187 10.05 1.08 -21.22
N SER B 188 9.30 0.22 -20.54
CA SER B 188 8.33 0.64 -19.53
C SER B 188 8.42 -0.32 -18.37
N TYR B 189 8.60 0.22 -17.18
CA TYR B 189 8.76 -0.62 -16.00
C TYR B 189 8.00 0.02 -14.85
N LYS B 190 7.08 -0.73 -14.26
CA LYS B 190 6.30 -0.30 -13.11
C LYS B 190 6.31 -1.43 -12.08
N ASN B 191 7.00 -1.22 -10.96
CA ASN B 191 7.13 -2.27 -9.97
C ASN B 191 6.37 -1.94 -8.70
N TYR B 192 5.09 -1.62 -8.86
CA TYR B 192 4.25 -1.23 -7.74
C TYR B 192 2.80 -1.30 -8.21
N PRO B 193 1.82 -1.28 -7.32
CA PRO B 193 0.40 -1.38 -7.76
C PRO B 193 -0.02 -0.13 -8.52
N SER B 194 -0.43 -0.33 -9.78
CA SER B 194 -0.54 0.79 -10.71
C SER B 194 -1.64 1.77 -10.35
N ASN B 195 -2.61 1.38 -9.52
CA ASN B 195 -3.65 2.32 -9.13
C ASN B 195 -3.14 3.42 -8.20
N GLN B 196 -2.03 3.22 -7.51
CA GLN B 196 -1.55 4.23 -6.57
C GLN B 196 -1.08 5.45 -7.35
N GLY B 197 -1.63 6.62 -7.00
CA GLY B 197 -1.28 7.85 -7.67
C GLY B 197 -1.97 8.06 -9.00
N LEU B 198 -2.89 7.17 -9.36
CA LEU B 198 -3.65 7.34 -10.58
C LEU B 198 -4.41 8.65 -10.50
N ALA B 199 -4.43 9.39 -11.62
CA ALA B 199 -5.22 10.61 -11.65
C ALA B 199 -6.69 10.27 -11.49
N VAL B 200 -7.37 10.92 -10.55
CA VAL B 200 -8.78 10.70 -10.30
C VAL B 200 -9.52 11.90 -10.83
N LYS B 201 -10.64 11.66 -11.52
CA LYS B 201 -11.38 12.74 -12.15
C LYS B 201 -12.05 13.60 -11.09
N ILE B 202 -12.06 14.91 -11.34
CA ILE B 202 -12.76 15.84 -10.47
C ILE B 202 -14.26 15.63 -10.65
N PRO B 203 -15.00 15.31 -9.59
CA PRO B 203 -16.44 15.05 -9.76
C PRO B 203 -17.20 16.25 -10.31
N GLN B 204 -18.30 15.96 -11.02
CA GLN B 204 -19.06 16.99 -11.72
C GLN B 204 -19.86 17.87 -10.77
N ARG B 205 -20.10 17.44 -9.55
CA ARG B 205 -20.89 18.23 -8.63
C ARG B 205 -20.08 19.38 -8.04
N GLN B 206 -20.73 20.19 -7.23
CA GLN B 206 -20.07 21.27 -6.52
C GLN B 206 -19.19 20.68 -5.42
N PRO B 207 -18.12 21.38 -5.05
CA PRO B 207 -17.25 20.85 -4.00
C PRO B 207 -17.95 20.80 -2.66
N LEU B 208 -17.57 19.80 -1.87
CA LEU B 208 -18.10 19.71 -0.52
C LEU B 208 -17.68 20.93 0.31
N THR B 209 -16.40 21.24 0.25
CA THR B 209 -15.81 22.31 1.05
C THR B 209 -14.75 22.98 0.22
N VAL B 210 -14.69 24.30 0.31
CA VAL B 210 -13.61 25.07 -0.30
C VAL B 210 -12.90 25.84 0.79
N CYS B 211 -11.57 25.81 0.76
CA CYS B 211 -10.72 26.50 1.72
C CYS B 211 -9.73 27.37 0.95
N GLU B 212 -9.53 28.59 1.43
CA GLU B 212 -8.65 29.55 0.78
C GLU B 212 -7.63 30.08 1.78
N GLU B 213 -6.37 30.16 1.33
CA GLU B 213 -5.29 30.58 2.21
C GLU B 213 -4.26 31.33 1.39
N ARG B 214 -3.82 32.49 1.88
CA ARG B 214 -2.74 33.21 1.20
C ARG B 214 -1.38 32.73 1.67
N THR B 215 -0.47 32.57 0.72
CA THR B 215 0.91 32.29 1.08
C THR B 215 1.62 33.62 1.29
N GLN B 216 2.68 33.58 2.11
CA GLN B 216 3.48 34.77 2.40
C GLN B 216 4.45 35.08 1.26
N PRO B 217 4.76 36.36 1.02
CA PRO B 217 5.79 36.69 0.02
C PRO B 217 7.11 35.93 0.25
N SER B 218 7.44 35.65 1.49
CA SER B 218 8.67 34.93 1.82
C SER B 218 8.47 33.44 1.98
N GLN B 219 7.35 32.88 1.49
CA GLN B 219 7.03 31.48 1.78
C GLN B 219 8.15 30.54 1.36
N ALA B 220 8.70 30.74 0.15
CA ALA B 220 9.72 29.82 -0.35
C ALA B 220 11.01 29.98 0.44
N LEU B 221 11.34 31.21 0.86
CA LEU B 221 12.56 31.45 1.62
C LEU B 221 12.50 30.77 2.98
N LEU B 222 11.31 30.64 3.56
CA LEU B 222 11.18 29.93 4.83
C LEU B 222 11.09 28.43 4.59
N TYR B 223 10.31 28.03 3.58
CA TYR B 223 10.08 26.61 3.36
C TYR B 223 11.38 25.90 2.98
N ARG B 224 12.27 26.57 2.23
CA ARG B 224 13.54 25.97 1.83
C ARG B 224 14.45 25.67 3.02
N LEU B 225 14.26 26.33 4.15
CA LEU B 225 15.06 25.98 5.33
C LEU B 225 14.71 24.59 5.88
N SER B 226 13.64 23.97 5.40
CA SER B 226 13.37 22.58 5.71
C SER B 226 14.21 21.58 4.89
N GLY B 227 15.02 22.03 3.91
CA GLY B 227 15.90 21.11 3.21
C GLY B 227 16.18 21.35 1.73
N ASP B 228 15.20 21.85 0.95
CA ASP B 228 15.37 22.00 -0.50
C ASP B 228 15.84 23.40 -0.85
N TYR B 229 17.14 23.56 -1.07
CA TYR B 229 17.73 24.87 -1.31
C TYR B 229 17.84 25.25 -2.78
N ASN B 230 17.10 24.60 -3.66
CA ASN B 230 17.13 24.88 -5.10
C ASN B 230 17.03 26.37 -5.38
N PRO B 231 17.98 26.97 -6.09
CA PRO B 231 17.91 28.41 -6.40
C PRO B 231 16.66 28.81 -7.16
N LEU B 232 15.93 27.85 -7.71
CA LEU B 232 14.75 28.16 -8.48
C LEU B 232 13.66 28.81 -7.64
N HIS B 233 13.69 28.58 -6.36
CA HIS B 233 12.73 29.19 -5.50
C HIS B 233 13.24 30.30 -4.66
N SER B 234 14.39 30.83 -4.92
CA SER B 234 14.93 31.88 -4.07
C SER B 234 15.73 32.93 -4.82
N ASP B 235 16.28 32.56 -5.98
CA ASP B 235 17.22 33.41 -6.71
C ASP B 235 16.53 34.07 -7.90
N PRO B 236 16.33 35.39 -7.90
CA PRO B 236 15.65 36.04 -9.05
C PRO B 236 16.30 35.79 -10.40
N GLU B 237 17.62 35.99 -10.50
CA GLU B 237 18.30 35.81 -11.78
C GLU B 237 18.16 34.38 -12.25
N PHE B 238 18.36 33.42 -11.34
CA PHE B 238 18.29 32.02 -11.72
C PHE B 238 16.89 31.66 -12.22
N ALA B 239 15.86 32.23 -11.60
CA ALA B 239 14.50 31.91 -12.00
C ALA B 239 14.14 32.58 -13.33
N LYS B 240 14.68 33.77 -13.59
CA LYS B 240 14.52 34.38 -14.91
C LYS B 240 15.09 33.46 -15.98
N LEU B 241 16.31 32.94 -15.76
CA LEU B 241 16.93 32.05 -16.73
C LEU B 241 16.18 30.73 -16.88
N ALA B 242 15.27 30.43 -15.97
CA ALA B 242 14.38 29.29 -16.09
C ALA B 242 13.05 29.67 -16.73
N GLY B 243 12.83 30.96 -16.99
CA GLY B 243 11.59 31.40 -17.61
C GLY B 243 10.54 31.97 -16.68
N PHE B 244 10.93 32.49 -15.51
CA PHE B 244 9.95 32.95 -14.54
C PHE B 244 10.28 34.37 -14.08
N PRO B 245 9.26 35.22 -13.93
CA PRO B 245 9.53 36.61 -13.54
C PRO B 245 9.97 36.77 -12.08
N ARG B 246 9.60 35.85 -11.19
CA ARG B 246 10.18 35.81 -9.86
CA ARG B 246 10.12 35.81 -9.83
C ARG B 246 10.34 34.35 -9.46
N PRO B 247 11.11 34.07 -8.40
CA PRO B 247 11.28 32.66 -7.97
C PRO B 247 9.95 32.04 -7.59
N ILE B 248 9.81 30.76 -7.82
CA ILE B 248 8.53 30.07 -7.70
C ILE B 248 8.51 29.25 -6.42
N LEU B 249 7.33 29.05 -5.87
CA LEU B 249 7.18 28.25 -4.65
C LEU B 249 7.43 26.76 -4.93
N HIS B 250 8.12 26.09 -4.00
CA HIS B 250 8.30 24.63 -4.11
C HIS B 250 6.97 23.93 -4.30
N GLY B 251 6.93 23.01 -5.28
CA GLY B 251 5.72 22.21 -5.46
C GLY B 251 5.30 21.50 -4.18
N LEU B 252 6.26 20.94 -3.45
CA LEU B 252 5.93 20.22 -2.21
C LEU B 252 5.42 21.16 -1.12
N CYS B 253 5.75 22.45 -1.20
CA CYS B 253 5.15 23.41 -0.27
C CYS B 253 3.66 23.56 -0.58
N THR B 254 3.32 23.74 -1.86
CA THR B 254 1.92 23.77 -2.28
C THR B 254 1.16 22.54 -1.79
N LEU B 255 1.78 21.37 -1.95
CA LEU B 255 1.17 20.15 -1.47
C LEU B 255 0.89 20.22 0.03
N GLY B 256 1.85 20.73 0.80
CA GLY B 256 1.63 20.86 2.23
C GLY B 256 0.44 21.73 2.56
N PHE B 257 0.27 22.84 1.82
CA PHE B 257 -0.88 23.71 2.03
C PHE B 257 -2.19 22.96 1.77
N ALA B 258 -2.25 22.23 0.67
CA ALA B 258 -3.48 21.54 0.32
C ALA B 258 -3.83 20.49 1.37
N ILE B 259 -2.85 19.66 1.76
CA ILE B 259 -3.16 18.60 2.71
C ILE B 259 -3.49 19.20 4.07
N LYS B 260 -2.83 20.28 4.44
CA LYS B 260 -3.21 20.99 5.66
C LYS B 260 -4.67 21.42 5.61
N ALA B 261 -5.11 21.94 4.46
CA ALA B 261 -6.50 22.36 4.32
C ALA B 261 -7.46 21.18 4.45
N ILE B 262 -7.07 20.03 3.89
CA ILE B 262 -7.92 18.84 3.99
C ILE B 262 -8.02 18.38 5.43
N ILE B 263 -6.90 18.45 6.15
CA ILE B 263 -6.91 18.07 7.56
C ILE B 263 -7.84 18.97 8.34
N LYS B 264 -7.85 20.25 8.01
CA LYS B 264 -8.67 21.20 8.76
C LYS B 264 -10.14 21.09 8.39
N CYS B 265 -10.45 20.96 7.11
CA CYS B 265 -11.82 21.09 6.61
C CYS B 265 -12.55 19.76 6.45
N VAL B 266 -11.84 18.64 6.42
CA VAL B 266 -12.46 17.33 6.30
C VAL B 266 -12.17 16.47 7.53
N CYS B 267 -10.95 16.51 8.04
CA CYS B 267 -10.54 15.59 9.09
C CYS B 267 -10.72 16.16 10.47
N LYS B 268 -11.51 17.22 10.62
CA LYS B 268 -11.81 17.79 11.94
C LYS B 268 -10.54 18.13 12.71
N GLY B 269 -9.47 18.49 12.00
CA GLY B 269 -8.22 18.89 12.60
C GLY B 269 -7.23 17.77 12.93
N ASP B 270 -7.56 16.52 12.68
CA ASP B 270 -6.68 15.44 13.14
C ASP B 270 -5.75 15.00 12.03
N PRO B 271 -4.45 15.30 12.12
CA PRO B 271 -3.54 14.88 11.05
C PRO B 271 -3.39 13.38 10.94
N THR B 272 -3.66 12.62 12.00
CA THR B 272 -3.50 11.18 11.89
C THR B 272 -4.62 10.51 11.10
N ALA B 273 -5.60 11.27 10.62
CA ALA B 273 -6.62 10.71 9.75
C ALA B 273 -6.09 10.44 8.35
N VAL B 274 -4.92 10.95 8.02
CA VAL B 274 -4.42 10.92 6.65
C VAL B 274 -3.65 9.62 6.44
N LYS B 275 -4.10 8.81 5.50
CA LYS B 275 -3.45 7.52 5.25
C LYS B 275 -2.58 7.53 4.00
N THR B 276 -3.06 8.14 2.92
CA THR B 276 -2.28 8.29 1.70
C THR B 276 -2.46 9.70 1.19
N ILE B 277 -1.45 10.19 0.49
CA ILE B 277 -1.46 11.49 -0.16
C ILE B 277 -0.96 11.29 -1.57
N SER B 278 -1.78 11.67 -2.54
CA SER B 278 -1.33 11.76 -3.92
C SER B 278 -1.40 13.21 -4.36
N GLY B 279 -0.29 13.72 -4.88
CA GLY B 279 -0.31 15.05 -5.44
C GLY B 279 0.31 15.12 -6.81
N ARG B 280 -0.45 15.59 -7.80
CA ARG B 280 0.04 15.80 -9.16
CA ARG B 280 0.06 15.81 -9.15
C ARG B 280 0.23 17.31 -9.37
N PHE B 281 1.44 17.69 -9.76
CA PHE B 281 1.79 19.09 -9.94
C PHE B 281 1.44 19.54 -11.36
N LEU B 282 0.82 20.72 -11.48
CA LEU B 282 0.30 21.12 -12.79
C LEU B 282 0.91 22.41 -13.32
N THR B 283 0.88 23.49 -12.56
CA THR B 283 1.39 24.80 -12.99
C THR B 283 2.16 25.38 -11.81
N THR B 284 2.95 26.40 -12.09
CA THR B 284 3.77 27.02 -11.06
C THR B 284 2.95 27.95 -10.17
N VAL B 285 3.36 28.02 -8.91
CA VAL B 285 2.83 28.95 -7.92
C VAL B 285 3.94 29.92 -7.53
N PHE B 286 3.57 31.18 -7.29
CA PHE B 286 4.51 32.21 -6.87
C PHE B 286 4.24 32.58 -5.43
N PRO B 287 5.26 32.68 -4.58
CA PRO B 287 5.03 33.09 -3.18
C PRO B 287 4.26 34.40 -3.12
N GLY B 288 3.30 34.45 -2.21
CA GLY B 288 2.43 35.60 -2.08
C GLY B 288 1.07 35.43 -2.69
N GLU B 289 0.88 34.41 -3.53
CA GLU B 289 -0.41 34.15 -4.14
C GLU B 289 -1.33 33.41 -3.16
N THR B 290 -2.62 33.41 -3.48
CA THR B 290 -3.65 32.78 -2.66
C THR B 290 -4.03 31.44 -3.28
N LEU B 291 -3.93 30.39 -2.47
CA LEU B 291 -4.24 29.04 -2.92
C LEU B 291 -5.66 28.69 -2.50
N ILE B 292 -6.47 28.26 -3.45
CA ILE B 292 -7.82 27.80 -3.19
C ILE B 292 -7.87 26.31 -3.41
N THR B 293 -8.22 25.57 -2.37
CA THR B 293 -8.30 24.13 -2.43
C THR B 293 -9.77 23.73 -2.39
N GLU B 294 -10.24 23.09 -3.44
CA GLU B 294 -11.58 22.53 -3.45
C GLU B 294 -11.50 21.03 -3.13
N MSE B 295 -12.44 20.56 -2.33
CA MSE B 295 -12.45 19.16 -1.88
C MSE B 295 -13.78 18.48 -2.13
O MSE B 295 -14.83 19.09 -1.94
CB MSE B 295 -12.12 19.06 -0.41
CG MSE B 295 -10.77 19.67 -0.11
SE MSE B 295 -10.64 20.45 1.67
CE MSE B 295 -11.11 22.30 1.23
N TRP B 296 -13.72 17.22 -2.56
CA TRP B 296 -14.88 16.35 -2.67
C TRP B 296 -14.61 15.09 -1.88
N LEU B 297 -15.69 14.48 -1.39
CA LEU B 297 -15.59 13.26 -0.59
C LEU B 297 -16.23 12.12 -1.36
N GLU B 298 -15.43 11.09 -1.67
CA GLU B 298 -15.92 9.88 -2.35
C GLU B 298 -15.61 8.70 -1.43
N GLY B 299 -16.57 8.36 -0.57
CA GLY B 299 -16.32 7.38 0.47
C GLY B 299 -15.33 7.90 1.49
N LEU B 300 -14.21 7.19 1.66
CA LEU B 300 -13.13 7.64 2.52
C LEU B 300 -11.94 8.12 1.69
N ARG B 301 -12.19 8.54 0.46
CA ARG B 301 -11.19 9.20 -0.38
C ARG B 301 -11.62 10.64 -0.59
N VAL B 302 -10.74 11.56 -0.24
CA VAL B 302 -10.93 12.97 -0.55
C VAL B 302 -10.27 13.22 -1.89
N ILE B 303 -11.05 13.68 -2.87
CA ILE B 303 -10.52 14.18 -4.15
C ILE B 303 -10.40 15.69 -4.05
N TYR B 304 -9.26 16.23 -4.48
CA TYR B 304 -9.04 17.65 -4.28
C TYR B 304 -8.32 18.25 -5.46
N GLN B 305 -8.34 19.58 -5.49
CA GLN B 305 -7.81 20.40 -6.56
C GLN B 305 -7.44 21.73 -5.92
N THR B 306 -6.28 22.27 -6.28
CA THR B 306 -5.85 23.57 -5.75
C THR B 306 -5.58 24.54 -6.89
N LYS B 307 -6.15 25.74 -6.78
CA LYS B 307 -5.99 26.77 -7.78
C LYS B 307 -5.32 28.01 -7.17
N VAL B 308 -4.60 28.73 -8.01
CA VAL B 308 -4.12 30.06 -7.67
C VAL B 308 -5.25 31.03 -7.94
N LYS B 309 -5.69 31.75 -6.91
CA LYS B 309 -6.82 32.66 -7.05
C LYS B 309 -6.53 33.77 -8.05
N GLU B 310 -5.35 34.39 -7.95
CA GLU B 310 -5.05 35.59 -8.72
C GLU B 310 -5.06 35.30 -10.21
N ARG B 311 -4.38 34.24 -10.65
CA ARG B 311 -4.29 33.91 -12.07
C ARG B 311 -5.31 32.85 -12.49
N ASN B 312 -6.15 32.38 -11.58
CA ASN B 312 -7.19 31.40 -11.84
C ASN B 312 -6.68 30.22 -12.68
N LYS B 313 -5.67 29.54 -12.15
CA LYS B 313 -5.05 28.39 -12.80
C LYS B 313 -4.97 27.25 -11.79
N THR B 314 -5.21 26.03 -12.26
CA THR B 314 -5.11 24.83 -11.42
C THR B 314 -3.65 24.42 -11.32
N VAL B 315 -3.15 24.29 -10.10
CA VAL B 315 -1.73 24.04 -9.86
C VAL B 315 -1.46 22.68 -9.27
N LEU B 316 -2.48 22.00 -8.75
CA LEU B 316 -2.28 20.78 -7.98
C LEU B 316 -3.60 20.02 -7.94
N ALA B 317 -3.52 18.69 -8.01
CA ALA B 317 -4.70 17.83 -7.99
C ALA B 317 -4.27 16.47 -7.48
N GLY B 318 -5.18 15.78 -6.83
CA GLY B 318 -4.83 14.46 -6.31
C GLY B 318 -5.91 13.93 -5.42
N TYR B 319 -5.53 13.04 -4.50
CA TYR B 319 -6.49 12.52 -3.55
C TYR B 319 -5.78 12.25 -2.24
N VAL B 320 -6.58 12.04 -1.20
CA VAL B 320 -6.13 11.67 0.14
C VAL B 320 -7.06 10.57 0.64
N ASP B 321 -6.51 9.41 0.96
CA ASP B 321 -7.30 8.37 1.61
C ASP B 321 -7.28 8.62 3.12
N ILE B 322 -8.46 8.59 3.75
CA ILE B 322 -8.54 8.93 5.16
C ILE B 322 -9.08 7.76 5.95
N ARG B 323 -8.73 7.76 7.24
CA ARG B 323 -9.26 6.81 8.20
C ARG B 323 -10.78 6.95 8.31
N GLY B 324 -11.46 5.82 8.52
CA GLY B 324 -12.88 5.82 8.80
C GLY B 324 -13.10 5.55 10.28
N LEU B 325 -13.87 6.42 10.93
CA LEU B 325 -14.14 6.26 12.36
C LEU B 325 -15.48 6.88 12.68
N SER B 326 -16.45 6.04 13.07
CA SER B 326 -17.80 6.55 13.34
C SER B 326 -17.85 7.50 14.54
N SER B 327 -16.94 7.36 15.48
CA SER B 327 -16.91 8.26 16.65
C SER B 327 -16.12 9.56 16.37
#